data_5XES
#
_entry.id   5XES
#
_entity_poly.entity_id   1
_entity_poly.type   'polypeptide(L)'
_entity_poly.pdbx_seq_one_letter_code
;TVYVYSRVK
;
_entity_poly.pdbx_strand_id   A
#
# COMPACT_ATOMS: atom_id res chain seq x y z
N THR A 1 -2.58 -3.52 -6.36
CA THR A 1 -2.89 -2.10 -6.48
C THR A 1 -1.74 -1.24 -5.98
N VAL A 2 -1.94 0.07 -5.97
CA VAL A 2 -0.92 1.00 -5.51
C VAL A 2 -1.09 1.33 -4.03
N TYR A 3 -2.21 1.99 -3.71
CA TYR A 3 -2.50 2.36 -2.33
C TYR A 3 -2.55 1.13 -1.43
N VAL A 4 -2.96 0.00 -2.00
CA VAL A 4 -3.04 -1.25 -1.25
C VAL A 4 -1.65 -1.77 -0.89
N TYR A 5 -0.68 -1.49 -1.76
CA TYR A 5 0.69 -1.93 -1.54
C TYR A 5 1.47 -0.92 -0.69
N SER A 6 0.90 0.27 -0.56
CA SER A 6 1.55 1.32 0.22
C SER A 6 1.07 1.29 1.67
N ARG A 7 -0.06 0.63 1.91
CA ARG A 7 -0.62 0.52 3.25
C ARG A 7 0.30 -0.29 4.16
N VAL A 8 1.03 -1.24 3.56
CA VAL A 8 1.95 -2.08 4.32
C VAL A 8 2.96 -1.24 5.08
N LYS A 9 3.33 -0.10 4.51
CA LYS A 9 4.29 0.80 5.13
C LYS A 9 3.65 1.58 6.28
N THR A 1 -0.97 -3.16 -5.86
CA THR A 1 -1.56 -1.82 -5.92
C THR A 1 -0.66 -0.80 -5.24
N VAL A 2 -1.10 0.46 -5.22
CA VAL A 2 -0.34 1.53 -4.61
C VAL A 2 -0.75 1.73 -3.15
N TYR A 3 -1.99 2.13 -2.94
CA TYR A 3 -2.49 2.37 -1.59
C TYR A 3 -2.48 1.07 -0.78
N VAL A 4 -2.65 -0.05 -1.46
CA VAL A 4 -2.65 -1.35 -0.80
C VAL A 4 -1.26 -1.71 -0.30
N TYR A 5 -0.24 -1.18 -0.95
CA TYR A 5 1.15 -1.44 -0.57
C TYR A 5 1.65 -0.38 0.40
N SER A 6 0.92 0.72 0.49
CA SER A 6 1.29 1.82 1.38
C SER A 6 1.00 1.46 2.84
N ARG A 7 0.14 0.46 3.04
CA ARG A 7 -0.22 0.03 4.38
C ARG A 7 0.85 -0.87 4.97
N VAL A 8 1.56 -1.61 4.10
CA VAL A 8 2.61 -2.51 4.54
C VAL A 8 3.67 -1.76 5.34
N LYS A 9 3.89 -0.49 4.99
CA LYS A 9 4.87 0.33 5.68
C LYS A 9 4.25 1.07 6.86
N THR A 1 -3.56 -2.05 -5.12
CA THR A 1 -2.36 -2.25 -5.92
C THR A 1 -1.21 -1.37 -5.43
N VAL A 2 -1.37 -0.06 -5.60
CA VAL A 2 -0.36 0.90 -5.18
C VAL A 2 -0.63 1.39 -3.76
N TYR A 3 -1.74 2.10 -3.59
CA TYR A 3 -2.11 2.64 -2.29
C TYR A 3 -2.29 1.52 -1.26
N VAL A 4 -2.75 0.37 -1.74
CA VAL A 4 -2.98 -0.78 -0.87
C VAL A 4 -1.65 -1.36 -0.39
N TYR A 5 -0.60 -1.14 -1.16
CA TYR A 5 0.73 -1.65 -0.81
C TYR A 5 1.47 -0.66 0.10
N SER A 6 0.95 0.56 0.18
CA SER A 6 1.55 1.59 1.01
C SER A 6 1.40 1.26 2.49
N ARG A 7 0.46 0.36 2.80
CA ARG A 7 0.21 -0.04 4.17
C ARG A 7 1.29 -1.01 4.66
N VAL A 8 1.84 -1.79 3.73
CA VAL A 8 2.87 -2.76 4.06
C VAL A 8 4.06 -2.08 4.74
N LYS A 9 4.32 -0.84 4.36
CA LYS A 9 5.43 -0.08 4.94
C LYS A 9 5.36 -0.08 6.46
N THR A 1 -4.32 -1.66 -5.18
CA THR A 1 -3.18 -1.72 -6.10
C THR A 1 -1.99 -0.96 -5.54
N VAL A 2 -2.10 0.36 -5.48
CA VAL A 2 -1.02 1.19 -4.95
C VAL A 2 -1.19 1.45 -3.46
N TYR A 3 -2.26 2.14 -3.11
CA TYR A 3 -2.53 2.47 -1.71
C TYR A 3 -2.68 1.20 -0.88
N VAL A 4 -3.15 0.13 -1.52
CA VAL A 4 -3.32 -1.15 -0.84
C VAL A 4 -1.98 -1.79 -0.50
N TYR A 5 -0.99 -1.52 -1.33
CA TYR A 5 0.36 -2.07 -1.11
C TYR A 5 1.17 -1.15 -0.22
N SER A 6 0.70 0.07 -0.02
CA SER A 6 1.39 1.04 0.81
C SER A 6 0.94 0.92 2.27
N ARG A 7 -0.21 0.28 2.48
CA ARG A 7 -0.74 0.10 3.82
C ARG A 7 0.31 -0.53 4.73
N VAL A 8 1.19 -1.33 4.16
CA VAL A 8 2.24 -2.00 4.93
C VAL A 8 3.09 -0.98 5.67
N LYS A 9 3.26 0.19 5.09
CA LYS A 9 4.05 1.25 5.70
C LYS A 9 3.28 2.57 5.71
N THR A 1 -2.78 -3.64 -6.07
CA THR A 1 -2.96 -2.21 -6.27
C THR A 1 -1.71 -1.43 -5.86
N VAL A 2 -1.77 -0.11 -6.02
CA VAL A 2 -0.64 0.74 -5.67
C VAL A 2 -0.77 1.27 -4.24
N TYR A 3 -1.80 2.09 -4.02
CA TYR A 3 -2.04 2.66 -2.70
C TYR A 3 -2.24 1.57 -1.65
N VAL A 4 -2.71 0.41 -2.10
CA VAL A 4 -2.94 -0.72 -1.21
C VAL A 4 -1.64 -1.30 -0.69
N TYR A 5 -0.57 -1.14 -1.48
CA TYR A 5 0.74 -1.64 -1.10
C TYR A 5 1.40 -0.73 -0.06
N SER A 6 0.85 0.46 0.09
CA SER A 6 1.38 1.43 1.05
C SER A 6 0.89 1.13 2.46
N ARG A 7 -0.19 0.35 2.55
CA ARG A 7 -0.77 -0.01 3.84
C ARG A 7 0.29 -0.63 4.75
N VAL A 8 1.27 -1.30 4.15
CA VAL A 8 2.34 -1.93 4.91
C VAL A 8 3.05 -0.92 5.80
N LYS A 9 3.13 0.33 5.34
CA LYS A 9 3.78 1.38 6.09
C LYS A 9 2.97 1.76 7.32
N THR A 1 -2.49 -3.38 -5.17
CA THR A 1 -2.60 -1.99 -5.59
C THR A 1 -1.45 -1.15 -5.02
N VAL A 2 -1.51 0.15 -5.28
CA VAL A 2 -0.48 1.07 -4.79
C VAL A 2 -0.89 1.67 -3.44
N TYR A 3 -1.95 2.45 -3.44
CA TYR A 3 -2.44 3.09 -2.23
C TYR A 3 -2.80 2.05 -1.17
N VAL A 4 -3.28 0.89 -1.63
CA VAL A 4 -3.67 -0.19 -0.73
C VAL A 4 -2.43 -0.83 -0.09
N TYR A 5 -1.33 -0.85 -0.83
CA TYR A 5 -0.09 -1.44 -0.33
C TYR A 5 0.47 -0.63 0.84
N SER A 6 -0.06 0.58 1.01
CA SER A 6 0.39 1.46 2.08
C SER A 6 0.13 0.82 3.45
N ARG A 7 -0.75 -0.17 3.47
CA ARG A 7 -1.09 -0.86 4.71
C ARG A 7 0.16 -1.38 5.41
N VAL A 8 1.19 -1.67 4.62
CA VAL A 8 2.45 -2.17 5.16
C VAL A 8 3.19 -1.09 5.93
N LYS A 9 3.73 -0.11 5.22
CA LYS A 9 4.46 0.98 5.85
C LYS A 9 4.00 2.33 5.29
N THR A 1 -1.07 -3.09 -5.65
CA THR A 1 -1.35 -1.67 -5.86
C THR A 1 -0.43 -0.79 -5.02
N VAL A 2 -0.68 0.51 -5.03
CA VAL A 2 0.12 1.46 -4.26
C VAL A 2 -0.50 1.71 -2.89
N TYR A 3 -1.68 2.31 -2.89
CA TYR A 3 -2.37 2.61 -1.63
C TYR A 3 -2.76 1.33 -0.90
N VAL A 4 -3.02 0.28 -1.66
CA VAL A 4 -3.40 -1.01 -1.08
C VAL A 4 -2.21 -1.66 -0.37
N TYR A 5 -1.01 -1.42 -0.90
CA TYR A 5 0.20 -1.98 -0.32
C TYR A 5 0.83 -1.01 0.68
N SER A 6 0.38 0.24 0.64
CA SER A 6 0.90 1.27 1.54
C SER A 6 0.64 0.89 3.00
N ARG A 7 -0.29 -0.02 3.21
CA ARG A 7 -0.64 -0.46 4.56
C ARG A 7 0.60 -0.93 5.31
N VAL A 8 1.59 -1.42 4.57
CA VAL A 8 2.83 -1.90 5.17
C VAL A 8 3.64 -0.73 5.75
N LYS A 9 4.22 0.07 4.87
CA LYS A 9 5.02 1.21 5.30
C LYS A 9 4.13 2.31 5.86
N THR A 1 -0.31 -3.29 -5.70
CA THR A 1 -0.96 -2.03 -6.06
C THR A 1 -0.28 -0.84 -5.38
N VAL A 2 -0.86 0.34 -5.55
CA VAL A 2 -0.31 1.55 -4.95
C VAL A 2 -0.95 1.83 -3.60
N TYR A 3 -2.25 2.11 -3.60
CA TYR A 3 -2.98 2.40 -2.38
C TYR A 3 -2.90 1.22 -1.41
N VAL A 4 -2.83 0.02 -1.96
CA VAL A 4 -2.75 -1.19 -1.15
C VAL A 4 -1.41 -1.28 -0.43
N TYR A 5 -0.37 -0.77 -1.07
CA TYR A 5 0.97 -0.79 -0.49
C TYR A 5 1.25 0.47 0.31
N SER A 6 0.41 1.48 0.12
CA SER A 6 0.56 2.75 0.81
C SER A 6 0.28 2.59 2.31
N ARG A 7 -0.40 1.50 2.66
CA ARG A 7 -0.73 1.22 4.05
C ARG A 7 0.33 0.34 4.70
N VAL A 8 0.99 -0.48 3.88
CA VAL A 8 2.03 -1.38 4.37
C VAL A 8 3.27 -0.60 4.79
N LYS A 9 4.00 -0.08 3.80
CA LYS A 9 5.21 0.68 4.06
C LYS A 9 4.88 1.98 4.79
N THR A 1 -4.00 -2.70 -5.48
CA THR A 1 -3.83 -1.29 -5.81
C THR A 1 -2.57 -0.73 -5.18
N VAL A 2 -2.06 0.37 -5.74
CA VAL A 2 -0.85 1.01 -5.23
C VAL A 2 -0.94 1.21 -3.72
N TYR A 3 -2.07 1.74 -3.26
CA TYR A 3 -2.28 1.99 -1.84
C TYR A 3 -2.14 0.70 -1.03
N VAL A 4 -2.56 -0.42 -1.63
CA VAL A 4 -2.48 -1.71 -0.97
C VAL A 4 -1.05 -2.04 -0.58
N TYR A 5 -0.09 -1.53 -1.35
CA TYR A 5 1.32 -1.77 -1.08
C TYR A 5 1.90 -0.66 -0.21
N SER A 6 1.17 0.43 -0.10
CA SER A 6 1.62 1.57 0.71
C SER A 6 1.09 1.47 2.13
N ARG A 7 0.05 0.66 2.32
CA ARG A 7 -0.56 0.48 3.63
C ARG A 7 0.44 -0.15 4.60
N VAL A 8 1.35 -0.95 4.07
CA VAL A 8 2.37 -1.61 4.89
C VAL A 8 3.17 -0.60 5.69
N LYS A 9 3.36 0.58 5.11
CA LYS A 9 4.11 1.64 5.77
C LYS A 9 3.72 3.02 5.21
N THR A 1 -2.20 -3.61 -5.72
CA THR A 1 -2.52 -2.23 -6.03
C THR A 1 -1.48 -1.27 -5.45
N VAL A 2 -1.70 0.02 -5.64
CA VAL A 2 -0.79 1.04 -5.13
C VAL A 2 -1.23 1.54 -3.77
N TYR A 3 -2.39 2.20 -3.73
CA TYR A 3 -2.93 2.73 -2.49
C TYR A 3 -3.18 1.62 -1.48
N VAL A 4 -3.55 0.44 -1.98
CA VAL A 4 -3.82 -0.70 -1.13
C VAL A 4 -2.54 -1.23 -0.48
N TYR A 5 -1.43 -1.07 -1.19
CA TYR A 5 -0.14 -1.53 -0.69
C TYR A 5 0.49 -0.49 0.23
N SER A 6 -0.05 0.73 0.19
CA SER A 6 0.46 1.82 1.02
C SER A 6 0.28 1.50 2.51
N ARG A 7 -0.61 0.55 2.80
CA ARG A 7 -0.88 0.17 4.18
C ARG A 7 0.41 -0.23 4.89
N VAL A 8 1.37 -0.75 4.13
CA VAL A 8 2.65 -1.16 4.69
C VAL A 8 3.47 0.04 5.14
N LYS A 9 4.00 0.78 4.16
CA LYS A 9 4.80 1.96 4.45
C LYS A 9 4.60 3.03 3.38
N THR A 1 -2.03 -2.06 -4.56
CA THR A 1 -0.87 -1.71 -5.36
C THR A 1 -0.29 -0.36 -4.93
N VAL A 2 -1.07 0.70 -5.09
CA VAL A 2 -0.64 2.04 -4.71
C VAL A 2 -1.04 2.37 -3.27
N TYR A 3 -2.34 2.44 -3.03
CA TYR A 3 -2.85 2.75 -1.71
C TYR A 3 -3.16 1.46 -0.93
N VAL A 4 -3.57 0.43 -1.66
CA VAL A 4 -3.90 -0.85 -1.04
C VAL A 4 -2.65 -1.55 -0.52
N TYR A 5 -1.52 -1.31 -1.19
CA TYR A 5 -0.26 -1.92 -0.78
C TYR A 5 0.51 -1.00 0.16
N SER A 6 0.09 0.26 0.23
CA SER A 6 0.74 1.24 1.09
C SER A 6 0.43 0.95 2.56
N ARG A 7 -0.62 0.18 2.80
CA ARG A 7 -1.02 -0.16 4.16
C ARG A 7 0.16 -0.73 4.94
N VAL A 8 1.08 -1.38 4.24
CA VAL A 8 2.25 -1.98 4.86
C VAL A 8 3.22 -0.90 5.35
N LYS A 9 3.89 -0.25 4.40
CA LYS A 9 4.84 0.81 4.73
C LYS A 9 4.17 1.92 5.54
N THR A 1 -4.06 -1.59 -5.30
CA THR A 1 -2.89 -1.98 -6.06
C THR A 1 -1.64 -1.26 -5.55
N VAL A 2 -1.60 0.05 -5.76
CA VAL A 2 -0.46 0.86 -5.30
C VAL A 2 -0.71 1.44 -3.92
N TYR A 3 -1.70 2.31 -3.81
CA TYR A 3 -2.05 2.93 -2.54
C TYR A 3 -2.44 1.87 -1.51
N VAL A 4 -3.04 0.79 -1.98
CA VAL A 4 -3.47 -0.29 -1.11
C VAL A 4 -2.28 -1.04 -0.52
N TYR A 5 -1.19 -1.10 -1.29
CA TYR A 5 0.02 -1.78 -0.85
C TYR A 5 0.84 -0.89 0.07
N SER A 6 0.51 0.40 0.09
CA SER A 6 1.23 1.36 0.93
C SER A 6 0.87 1.17 2.40
N ARG A 7 -0.25 0.50 2.65
CA ARG A 7 -0.71 0.25 4.01
C ARG A 7 0.34 -0.52 4.81
N VAL A 8 1.11 -1.35 4.11
CA VAL A 8 2.15 -2.14 4.74
C VAL A 8 3.30 -1.26 5.23
N LYS A 9 4.09 -0.75 4.29
CA LYS A 9 5.21 0.12 4.62
C LYS A 9 4.74 1.46 5.16
N THR A 1 -2.52 -3.71 -5.49
CA THR A 1 -2.63 -2.32 -5.91
C THR A 1 -1.43 -1.50 -5.45
N VAL A 2 -1.48 -0.20 -5.68
CA VAL A 2 -0.41 0.69 -5.29
C VAL A 2 -0.66 1.31 -3.91
N TYR A 3 -1.72 2.11 -3.82
CA TYR A 3 -2.07 2.76 -2.56
C TYR A 3 -2.37 1.72 -1.48
N VAL A 4 -2.89 0.58 -1.90
CA VAL A 4 -3.22 -0.49 -0.96
C VAL A 4 -1.96 -1.12 -0.38
N TYR A 5 -0.88 -1.11 -1.16
CA TYR A 5 0.38 -1.67 -0.72
C TYR A 5 1.11 -0.72 0.25
N SER A 6 0.64 0.52 0.28
CA SER A 6 1.24 1.53 1.16
C SER A 6 1.03 1.18 2.62
N ARG A 7 0.06 0.30 2.88
CA ARG A 7 -0.24 -0.12 4.24
C ARG A 7 0.91 -0.94 4.83
N VAL A 8 1.63 -1.63 3.96
CA VAL A 8 2.76 -2.46 4.40
C VAL A 8 3.91 -1.59 4.88
N LYS A 9 4.58 -0.93 3.93
CA LYS A 9 5.71 -0.07 4.26
C LYS A 9 6.74 -0.80 5.11
N THR A 1 -4.00 -2.14 -4.80
CA THR A 1 -2.82 -2.40 -5.63
C THR A 1 -1.68 -1.47 -5.26
N VAL A 2 -1.83 -0.19 -5.60
CA VAL A 2 -0.80 0.81 -5.30
C VAL A 2 -1.07 1.49 -3.96
N TYR A 3 -2.18 2.22 -3.88
CA TYR A 3 -2.54 2.92 -2.66
C TYR A 3 -2.73 1.94 -1.50
N VAL A 4 -3.15 0.72 -1.83
CA VAL A 4 -3.37 -0.31 -0.82
C VAL A 4 -2.05 -0.78 -0.23
N TYR A 5 -1.00 -0.74 -1.03
CA TYR A 5 0.33 -1.16 -0.59
C TYR A 5 0.89 -0.20 0.45
N SER A 6 0.27 0.97 0.56
CA SER A 6 0.71 1.99 1.51
C SER A 6 0.40 1.56 2.94
N ARG A 7 -0.51 0.60 3.08
CA ARG A 7 -0.89 0.09 4.40
C ARG A 7 0.32 -0.41 5.16
N VAL A 8 1.32 -0.91 4.43
CA VAL A 8 2.53 -1.42 5.04
C VAL A 8 3.36 -0.30 5.64
N LYS A 9 3.98 0.50 4.78
CA LYS A 9 4.81 1.62 5.22
C LYS A 9 4.04 2.51 6.18
N THR A 1 -1.94 -3.89 -5.10
CA THR A 1 -2.18 -2.56 -5.64
C THR A 1 -1.03 -1.62 -5.33
N VAL A 2 -1.17 -0.36 -5.73
CA VAL A 2 -0.14 0.64 -5.50
C VAL A 2 -0.39 1.40 -4.20
N TYR A 3 -1.49 2.14 -4.16
CA TYR A 3 -1.85 2.92 -2.98
C TYR A 3 -2.07 2.01 -1.78
N VAL A 4 -2.58 0.80 -2.04
CA VAL A 4 -2.84 -0.17 -0.98
C VAL A 4 -1.54 -0.69 -0.39
N TYR A 5 -0.49 -0.76 -1.21
CA TYR A 5 0.81 -1.25 -0.77
C TYR A 5 1.46 -0.26 0.20
N SER A 6 0.92 0.95 0.24
CA SER A 6 1.45 1.99 1.12
C SER A 6 1.34 1.57 2.58
N ARG A 7 0.48 0.60 2.85
CA ARG A 7 0.27 0.10 4.21
C ARG A 7 1.35 -0.91 4.59
N VAL A 8 1.85 -1.63 3.59
CA VAL A 8 2.89 -2.63 3.81
C VAL A 8 4.22 -1.97 4.18
N LYS A 9 4.85 -1.35 3.21
CA LYS A 9 6.13 -0.68 3.43
C LYS A 9 7.16 -1.64 4.03
N THR A 1 -1.55 -3.74 -5.10
CA THR A 1 -1.71 -2.43 -5.69
C THR A 1 -0.65 -1.45 -5.16
N VAL A 2 -0.79 -0.18 -5.52
CA VAL A 2 0.15 0.84 -5.07
C VAL A 2 -0.36 1.52 -3.80
N TYR A 3 -1.48 2.21 -3.90
CA TYR A 3 -2.06 2.90 -2.75
C TYR A 3 -2.37 1.92 -1.62
N VAL A 4 -2.74 0.70 -2.00
CA VAL A 4 -3.07 -0.34 -1.03
C VAL A 4 -1.82 -0.80 -0.28
N TYR A 5 -0.68 -0.79 -0.98
CA TYR A 5 0.59 -1.21 -0.38
C TYR A 5 1.08 -0.18 0.63
N SER A 6 0.49 1.01 0.59
CA SER A 6 0.88 2.09 1.49
C SER A 6 0.54 1.72 2.94
N ARG A 7 -0.36 0.75 3.10
CA ARG A 7 -0.78 0.32 4.43
C ARG A 7 0.36 -0.40 5.15
N VAL A 8 1.22 -1.06 4.37
CA VAL A 8 2.35 -1.79 4.94
C VAL A 8 3.39 -0.83 5.52
N LYS A 9 4.10 -0.14 4.64
CA LYS A 9 5.12 0.82 5.08
C LYS A 9 4.52 2.19 5.33
N THR A 1 -1.33 -3.30 -6.58
CA THR A 1 -1.95 -2.09 -6.06
C THR A 1 -0.94 -1.22 -5.34
N VAL A 2 -1.09 0.09 -5.46
CA VAL A 2 -0.19 1.04 -4.81
C VAL A 2 -0.76 1.50 -3.48
N TYR A 3 -1.89 2.20 -3.54
CA TYR A 3 -2.54 2.70 -2.32
C TYR A 3 -2.71 1.59 -1.30
N VAL A 4 -3.39 0.53 -1.70
CA VAL A 4 -3.64 -0.61 -0.82
C VAL A 4 -2.32 -1.19 -0.31
N TYR A 5 -1.25 -0.96 -1.05
CA TYR A 5 0.07 -1.46 -0.67
C TYR A 5 0.80 -0.46 0.21
N SER A 6 0.30 0.77 0.25
CA SER A 6 0.91 1.82 1.06
C SER A 6 0.78 1.51 2.54
N ARG A 7 -0.15 0.62 2.88
CA ARG A 7 -0.38 0.24 4.27
C ARG A 7 0.69 -0.74 4.74
N VAL A 8 1.22 -1.55 3.81
CA VAL A 8 2.25 -2.52 4.13
C VAL A 8 3.45 -1.86 4.78
N LYS A 9 3.72 -0.62 4.39
CA LYS A 9 4.86 0.13 4.92
C LYS A 9 4.46 0.84 6.22
N THR A 1 -3.44 0.20 -6.48
CA THR A 1 -2.84 -0.74 -5.54
C THR A 1 -1.81 -0.04 -4.66
N VAL A 2 -1.24 1.05 -5.16
CA VAL A 2 -0.24 1.81 -4.42
C VAL A 2 -0.71 2.08 -2.99
N TYR A 3 -1.95 2.56 -2.87
CA TYR A 3 -2.52 2.86 -1.56
C TYR A 3 -2.69 1.60 -0.72
N VAL A 4 -2.96 0.48 -1.40
CA VAL A 4 -3.14 -0.79 -0.71
C VAL A 4 -1.82 -1.31 -0.17
N TYR A 5 -0.72 -0.91 -0.80
CA TYR A 5 0.60 -1.35 -0.38
C TYR A 5 1.20 -0.38 0.64
N SER A 6 0.59 0.81 0.74
CA SER A 6 1.05 1.83 1.68
C SER A 6 0.97 1.33 3.11
N ARG A 7 0.17 0.29 3.33
CA ARG A 7 0.00 -0.29 4.66
C ARG A 7 1.19 -1.17 5.02
N VAL A 8 1.80 -1.78 4.01
CA VAL A 8 2.96 -2.65 4.22
C VAL A 8 4.07 -1.91 4.97
N LYS A 9 4.17 -0.61 4.72
CA LYS A 9 5.20 0.21 5.36
C LYS A 9 4.57 1.40 6.09
N THR A 1 -3.76 -0.44 -6.74
CA THR A 1 -3.08 -1.36 -5.84
C THR A 1 -1.91 -0.68 -5.13
N VAL A 2 -1.28 0.27 -5.82
CA VAL A 2 -0.16 1.00 -5.27
C VAL A 2 -0.47 1.51 -3.86
N TYR A 3 -1.64 2.13 -3.72
CA TYR A 3 -2.07 2.67 -2.43
C TYR A 3 -2.29 1.56 -1.41
N VAL A 4 -2.73 0.40 -1.91
CA VAL A 4 -2.99 -0.75 -1.05
C VAL A 4 -1.69 -1.33 -0.50
N TYR A 5 -0.61 -1.17 -1.26
CA TYR A 5 0.70 -1.68 -0.85
C TYR A 5 1.41 -0.67 0.06
N SER A 6 0.90 0.56 0.09
CA SER A 6 1.49 1.60 0.92
C SER A 6 1.05 1.46 2.37
N ARG A 7 -0.04 0.73 2.58
CA ARG A 7 -0.57 0.51 3.92
C ARG A 7 0.50 -0.01 4.85
N VAL A 8 1.45 -0.76 4.30
CA VAL A 8 2.54 -1.34 5.08
C VAL A 8 3.31 -0.25 5.83
N LYS A 9 3.38 0.94 5.23
CA LYS A 9 4.09 2.06 5.83
C LYS A 9 3.33 3.36 5.61
N THR A 1 -3.72 -2.69 -5.67
CA THR A 1 -3.41 -1.32 -6.07
C THR A 1 -2.15 -0.82 -5.37
N VAL A 2 -1.40 0.04 -6.07
CA VAL A 2 -0.17 0.59 -5.52
C VAL A 2 -0.39 1.13 -4.11
N TYR A 3 -1.45 1.91 -3.94
CA TYR A 3 -1.78 2.49 -2.64
C TYR A 3 -2.07 1.40 -1.61
N VAL A 4 -2.64 0.30 -2.07
CA VAL A 4 -2.97 -0.82 -1.20
C VAL A 4 -1.71 -1.52 -0.71
N TYR A 5 -0.66 -1.50 -1.53
CA TYR A 5 0.60 -2.14 -1.18
C TYR A 5 1.43 -1.23 -0.27
N SER A 6 1.04 0.04 -0.20
CA SER A 6 1.75 1.01 0.62
C SER A 6 1.35 0.88 2.09
N ARG A 7 0.21 0.24 2.32
CA ARG A 7 -0.30 0.06 3.68
C ARG A 7 0.77 -0.59 4.57
N VAL A 8 1.63 -1.40 3.96
CA VAL A 8 2.69 -2.07 4.69
C VAL A 8 3.56 -1.07 5.44
N LYS A 9 3.71 0.12 4.86
CA LYS A 9 4.52 1.17 5.46
C LYS A 9 3.72 2.45 5.63
#